data_8CEG
#
_entry.id   8CEG
#
_cell.length_a   49.044
_cell.length_b   54.915
_cell.length_c   57.505
_cell.angle_alpha   88.32
_cell.angle_beta   67.40
_cell.angle_gamma   63.86
#
_symmetry.space_group_name_H-M   'P 1'
#
loop_
_entity.id
_entity.type
_entity.pdbx_description
1 polymer 'CBY1-interacting BAR domain-containing protein 1'
2 water water
#
_entity_poly.entity_id   1
_entity_poly.type   'polypeptide(L)'
_entity_poly.pdbx_seq_one_letter_code
;MMRRTLENRNAQTKQLQTAVSNVEKHFGELCQIFAAYVRKTARLRDKADLLVNEINAYAATETPHLKLGLMNFADEFAKL
QDYRQAEVERLEAKVVEPLKTYGTIVKMKRDDLKATLTARNREAKQLTQLERTRQRNPSDRHVISQAETELQRAAMDASR
TSRHLEETINNFERQKMKDIKTIFSEFITIEMLFHGKALEVYTAAYQNIQNIDEDEDLE
;
_entity_poly.pdbx_strand_id   A,B
#
# COMPACT_ATOMS: atom_id res chain seq x y z
N GLU A 7 50.70 14.34 18.56
CA GLU A 7 50.89 15.76 18.26
C GLU A 7 49.85 16.66 18.94
N ASN A 8 48.57 16.26 18.94
CA ASN A 8 47.50 17.12 19.46
C ASN A 8 46.39 16.28 20.10
N ARG A 9 46.55 15.97 21.39
CA ARG A 9 45.63 15.07 22.08
C ARG A 9 44.22 15.64 22.23
N ASN A 10 44.08 16.93 22.50
CA ASN A 10 42.76 17.50 22.71
C ASN A 10 41.94 17.45 21.42
N ALA A 11 42.60 17.67 20.29
CA ALA A 11 41.96 17.72 18.99
C ALA A 11 41.63 16.32 18.50
N GLN A 12 42.54 15.35 18.71
CA GLN A 12 42.20 13.99 18.28
C GLN A 12 41.05 13.40 19.10
N THR A 13 41.08 13.63 20.40
CA THR A 13 40.04 13.17 21.31
C THR A 13 38.67 13.72 20.91
N LYS A 14 38.61 15.04 20.69
CA LYS A 14 37.39 15.69 20.31
C LYS A 14 36.92 15.20 18.95
N GLN A 15 37.86 15.05 18.01
CA GLN A 15 37.51 14.57 16.68
C GLN A 15 36.82 13.20 16.76
N LEU A 16 37.36 12.28 17.56
CA LEU A 16 36.80 10.94 17.71
C LEU A 16 35.44 10.97 18.43
N GLN A 17 35.36 11.66 19.56
CA GLN A 17 34.07 11.74 20.24
C GLN A 17 33.02 12.38 19.34
N THR A 18 33.39 13.41 18.58
CA THR A 18 32.38 14.06 17.73
C THR A 18 31.92 13.13 16.61
N ALA A 19 32.85 12.39 16.00
CA ALA A 19 32.47 11.44 14.96
C ALA A 19 31.62 10.31 15.51
N VAL A 20 32.01 9.70 16.63
CA VAL A 20 31.21 8.57 17.09
C VAL A 20 29.81 9.03 17.53
N SER A 21 29.71 10.22 18.12
CA SER A 21 28.45 10.71 18.64
C SER A 21 27.48 11.10 17.54
N ASN A 22 28.01 11.68 16.46
CA ASN A 22 27.23 12.02 15.29
C ASN A 22 26.63 10.77 14.65
N VAL A 23 27.46 9.76 14.41
CA VAL A 23 26.98 8.49 13.87
C VAL A 23 25.96 7.86 14.81
N GLU A 24 26.25 7.85 16.11
CA GLU A 24 25.33 7.23 17.05
C GLU A 24 23.93 7.82 16.90
N LYS A 25 23.84 9.15 16.93
CA LYS A 25 22.57 9.87 16.84
C LYS A 25 21.88 9.62 15.51
N HIS A 26 22.60 9.81 14.42
CA HIS A 26 21.96 9.76 13.12
C HIS A 26 21.73 8.33 12.64
N PHE A 27 22.66 7.41 12.86
CA PHE A 27 22.34 6.04 12.50
C PHE A 27 21.17 5.54 13.34
N GLY A 28 21.12 5.94 14.60
CA GLY A 28 20.06 5.47 15.45
C GLY A 28 18.72 6.01 14.99
N GLU A 29 18.69 7.26 14.54
CA GLU A 29 17.45 7.81 13.98
C GLU A 29 17.09 7.13 12.66
N LEU A 30 18.08 6.89 11.77
CA LEU A 30 17.78 6.17 10.55
C LEU A 30 17.22 4.79 10.84
N CYS A 31 17.78 4.13 11.86
CA CYS A 31 17.33 2.79 12.22
C CYS A 31 15.85 2.76 12.49
N GLN A 32 15.40 3.68 13.33
CA GLN A 32 14.02 3.62 13.78
C GLN A 32 13.06 4.06 12.69
N ILE A 33 13.46 4.96 11.78
CA ILE A 33 12.57 5.35 10.69
C ILE A 33 12.51 4.24 9.65
N PHE A 34 13.67 3.63 9.31
CA PHE A 34 13.63 2.46 8.45
C PHE A 34 12.75 1.37 9.05
N ALA A 35 12.87 1.13 10.35
CA ALA A 35 12.03 0.12 10.99
C ALA A 35 10.56 0.45 10.83
N ALA A 36 10.21 1.75 10.91
CA ALA A 36 8.82 2.19 10.74
C ALA A 36 8.37 2.06 9.31
N TYR A 37 9.25 2.40 8.38
CA TYR A 37 8.98 2.20 6.97
C TYR A 37 8.69 0.74 6.67
N VAL A 38 9.47 -0.16 7.25
CA VAL A 38 9.25 -1.59 7.08
C VAL A 38 7.89 -2.01 7.66
N ARG A 39 7.54 -1.48 8.85
CA ARG A 39 6.26 -1.83 9.45
C ARG A 39 5.09 -1.36 8.60
N LYS A 40 5.18 -0.13 8.07
CA LYS A 40 4.14 0.38 7.19
C LYS A 40 4.02 -0.43 5.91
N THR A 41 5.15 -0.92 5.39
CA THR A 41 5.15 -1.79 4.22
C THR A 41 4.42 -3.10 4.52
N ALA A 42 4.64 -3.65 5.71
CA ALA A 42 3.94 -4.85 6.14
C ALA A 42 2.44 -4.59 6.33
N ARG A 43 2.06 -3.42 6.88
CA ARG A 43 0.64 -3.12 7.03
C ARG A 43 -0.06 -2.95 5.68
N LEU A 44 0.62 -2.35 4.70
CA LEU A 44 0.11 -2.31 3.33
C LEU A 44 -0.10 -3.73 2.79
N ARG A 45 0.85 -4.62 3.06
CA ARG A 45 0.77 -6.02 2.58
C ARG A 45 -0.42 -6.73 3.25
N ASP A 46 -0.74 -6.40 4.49
CA ASP A 46 -1.93 -6.98 5.14
C ASP A 46 -3.20 -6.59 4.40
N LYS A 47 -3.32 -5.32 4.03
CA LYS A 47 -4.52 -4.85 3.34
C LYS A 47 -4.59 -5.43 1.93
N ALA A 48 -3.46 -5.58 1.26
CA ALA A 48 -3.47 -6.21 -0.05
C ALA A 48 -3.94 -7.67 0.06
N ASP A 49 -3.54 -8.35 1.14
CA ASP A 49 -4.00 -9.70 1.41
C ASP A 49 -5.52 -9.75 1.58
N LEU A 50 -6.08 -8.78 2.29
CA LEU A 50 -7.54 -8.72 2.39
C LEU A 50 -8.17 -8.49 1.01
N LEU A 51 -7.47 -7.76 0.15
CA LEU A 51 -7.98 -7.51 -1.19
C LEU A 51 -7.98 -8.81 -2.02
N VAL A 52 -6.88 -9.58 -1.94
CA VAL A 52 -6.87 -10.91 -2.54
C VAL A 52 -8.09 -11.70 -2.10
N ASN A 53 -8.35 -11.76 -0.79
CA ASN A 53 -9.40 -12.64 -0.33
C ASN A 53 -10.77 -12.19 -0.84
N GLU A 54 -11.01 -10.87 -0.88
CA GLU A 54 -12.31 -10.37 -1.30
C GLU A 54 -12.54 -10.50 -2.82
N ILE A 55 -11.51 -10.31 -3.64
CA ILE A 55 -11.65 -10.51 -5.08
C ILE A 55 -12.04 -11.95 -5.38
N ASN A 56 -11.40 -12.91 -4.72
CA ASN A 56 -11.76 -14.31 -4.89
C ASN A 56 -13.16 -14.61 -4.36
N ALA A 57 -13.52 -14.04 -3.21
CA ALA A 57 -14.87 -14.24 -2.69
C ALA A 57 -15.94 -13.64 -3.62
N TYR A 58 -15.67 -12.46 -4.21
CA TYR A 58 -16.63 -11.93 -5.17
C TYR A 58 -16.61 -12.73 -6.46
N ALA A 59 -15.41 -13.13 -6.93
CA ALA A 59 -15.33 -13.89 -8.16
C ALA A 59 -16.17 -15.16 -8.07
N ALA A 60 -16.15 -15.81 -6.89
CA ALA A 60 -16.86 -17.06 -6.70
C ALA A 60 -18.35 -16.93 -7.05
N THR A 61 -18.92 -15.74 -6.91
CA THR A 61 -20.33 -15.51 -7.14
C THR A 61 -20.66 -15.16 -8.58
N GLU A 62 -19.69 -15.11 -9.49
CA GLU A 62 -19.91 -14.42 -10.75
C GLU A 62 -19.97 -15.39 -11.92
N THR A 63 -20.17 -14.80 -13.12
CA THR A 63 -20.27 -15.61 -14.33
C THR A 63 -18.88 -16.06 -14.76
N PRO A 64 -18.79 -17.19 -15.49
CA PRO A 64 -17.49 -17.81 -15.80
C PRO A 64 -16.38 -16.88 -16.27
N HIS A 65 -16.58 -16.09 -17.32
CA HIS A 65 -15.49 -15.26 -17.83
C HIS A 65 -15.03 -14.26 -16.77
N LEU A 66 -15.98 -13.66 -16.04
CA LEU A 66 -15.65 -12.67 -15.02
C LEU A 66 -15.05 -13.32 -13.80
N LYS A 67 -15.56 -14.50 -13.42
CA LYS A 67 -14.97 -15.23 -12.30
C LYS A 67 -13.52 -15.61 -12.60
N LEU A 68 -13.27 -16.15 -13.79
CA LEU A 68 -11.93 -16.56 -14.17
C LEU A 68 -10.95 -15.39 -14.20
N GLY A 69 -11.34 -14.28 -14.84
CA GLY A 69 -10.43 -13.16 -14.95
C GLY A 69 -10.10 -12.57 -13.60
N LEU A 70 -11.08 -12.53 -12.69
CA LEU A 70 -10.84 -11.95 -11.38
C LEU A 70 -9.97 -12.87 -10.55
N MET A 71 -10.20 -14.17 -10.65
CA MET A 71 -9.40 -15.13 -9.90
C MET A 71 -7.96 -15.15 -10.41
N ASN A 72 -7.76 -14.99 -11.71
CA ASN A 72 -6.41 -14.95 -12.26
C ASN A 72 -5.71 -13.70 -11.80
N PHE A 73 -6.43 -12.57 -11.77
CA PHE A 73 -5.86 -11.35 -11.22
C PHE A 73 -5.53 -11.52 -9.74
N ALA A 74 -6.43 -12.18 -8.99
CA ALA A 74 -6.15 -12.41 -7.58
C ALA A 74 -4.90 -13.28 -7.44
N ASP A 75 -4.73 -14.26 -8.32
CA ASP A 75 -3.53 -15.10 -8.23
C ASP A 75 -2.25 -14.27 -8.39
N GLU A 76 -2.20 -13.41 -9.41
CA GLU A 76 -1.04 -12.53 -9.61
C GLU A 76 -0.85 -11.60 -8.43
N PHE A 77 -1.91 -10.93 -8.00
CA PHE A 77 -1.80 -9.97 -6.91
C PHE A 77 -1.35 -10.66 -5.62
N ALA A 78 -1.82 -11.89 -5.37
CA ALA A 78 -1.33 -12.63 -4.21
C ALA A 78 0.17 -12.89 -4.32
N LYS A 79 0.62 -13.22 -5.51
CA LYS A 79 2.04 -13.47 -5.75
C LYS A 79 2.88 -12.24 -5.43
N LEU A 80 2.41 -11.08 -5.88
CA LEU A 80 3.06 -9.82 -5.59
C LEU A 80 3.21 -9.62 -4.08
N GLN A 81 2.24 -10.07 -3.29
CA GLN A 81 2.29 -9.83 -1.85
C GLN A 81 3.29 -10.76 -1.15
N ASP A 82 3.53 -11.93 -1.72
CA ASP A 82 4.67 -12.73 -1.29
C ASP A 82 5.99 -12.02 -1.57
N TYR A 83 6.09 -11.35 -2.73
CA TYR A 83 7.31 -10.60 -2.99
C TYR A 83 7.44 -9.41 -2.05
N ARG A 84 6.31 -8.75 -1.75
CA ARG A 84 6.35 -7.67 -0.77
C ARG A 84 6.81 -8.17 0.59
N GLN A 85 6.37 -9.36 0.99
CA GLN A 85 6.75 -9.89 2.30
C GLN A 85 8.25 -10.16 2.32
N ALA A 86 8.79 -10.65 1.19
CA ALA A 86 10.23 -10.85 1.03
C ALA A 86 10.99 -9.56 1.06
N GLU A 87 10.43 -8.49 0.47
CA GLU A 87 11.02 -7.15 0.61
C GLU A 87 11.06 -6.74 2.07
N VAL A 88 9.93 -6.89 2.75
CA VAL A 88 9.86 -6.58 4.17
C VAL A 88 10.98 -7.28 4.94
N GLU A 89 11.14 -8.58 4.72
CA GLU A 89 12.13 -9.30 5.49
C GLU A 89 13.56 -8.93 5.11
N ARG A 90 13.81 -8.60 3.85
CA ARG A 90 15.19 -8.25 3.49
C ARG A 90 15.55 -6.87 4.02
N LEU A 91 14.60 -5.95 4.03
CA LEU A 91 14.84 -4.62 4.60
C LEU A 91 15.21 -4.70 6.07
N GLU A 92 14.50 -5.51 6.85
CA GLU A 92 14.83 -5.64 8.26
C GLU A 92 16.21 -6.28 8.44
N ALA A 93 16.50 -7.32 7.64
CA ALA A 93 17.73 -8.07 7.76
C ALA A 93 18.94 -7.25 7.32
N LYS A 94 18.79 -6.44 6.28
CA LYS A 94 19.94 -5.87 5.60
C LYS A 94 20.03 -4.35 5.71
N VAL A 95 19.06 -3.72 6.34
CA VAL A 95 19.07 -2.27 6.47
C VAL A 95 18.90 -1.92 7.93
N VAL A 96 17.83 -2.42 8.54
CA VAL A 96 17.53 -2.06 9.92
C VAL A 96 18.55 -2.70 10.86
N GLU A 97 18.78 -4.00 10.74
CA GLU A 97 19.68 -4.63 11.71
C GLU A 97 21.10 -4.09 11.64
N PRO A 98 21.73 -3.86 10.47
CA PRO A 98 23.08 -3.24 10.45
C PRO A 98 23.13 -1.87 11.08
N LEU A 99 22.09 -1.06 10.90
CA LEU A 99 22.05 0.25 11.56
C LEU A 99 21.94 0.07 13.08
N LYS A 100 21.13 -0.88 13.52
CA LYS A 100 21.05 -1.12 14.96
C LYS A 100 22.40 -1.59 15.52
N THR A 101 23.17 -2.35 14.73
CA THR A 101 24.48 -2.82 15.19
C THR A 101 25.42 -1.68 15.53
N TYR A 102 25.23 -0.48 14.94
CA TYR A 102 26.11 0.64 15.22
C TYR A 102 26.03 1.18 16.65
N GLY A 103 24.95 0.88 17.37
CA GLY A 103 24.93 1.25 18.79
C GLY A 103 26.03 0.54 19.55
N THR A 104 26.29 -0.70 19.19
CA THR A 104 27.34 -1.48 19.79
C THR A 104 28.71 -1.01 19.31
N ILE A 105 28.86 -0.73 18.01
CA ILE A 105 30.14 -0.23 17.50
C ILE A 105 30.53 1.05 18.21
N VAL A 106 29.60 2.01 18.28
CA VAL A 106 29.88 3.28 18.95
C VAL A 106 30.24 3.05 20.41
N LYS A 107 29.54 2.13 21.09
CA LYS A 107 29.91 1.86 22.48
C LYS A 107 31.34 1.33 22.58
N MET A 108 31.72 0.38 21.74
CA MET A 108 33.08 -0.16 21.82
C MET A 108 34.13 0.92 21.53
N LYS A 109 33.83 1.85 20.61
CA LYS A 109 34.78 2.92 20.30
C LYS A 109 34.99 3.83 21.50
N ARG A 110 33.89 4.21 22.17
CA ARG A 110 34.01 5.06 23.35
C ARG A 110 34.74 4.31 24.46
N ASP A 111 34.39 3.04 24.67
CA ASP A 111 35.04 2.26 25.74
C ASP A 111 36.54 2.12 25.48
N ASP A 112 36.96 2.03 24.22
CA ASP A 112 38.38 1.92 23.90
C ASP A 112 39.10 3.24 24.13
N LEU A 113 38.46 4.36 23.77
CA LEU A 113 39.04 5.67 24.08
C LEU A 113 39.25 5.84 25.58
N LYS A 114 38.20 5.57 26.39
CA LYS A 114 38.35 5.71 27.85
C LYS A 114 39.44 4.79 28.38
N ALA A 115 39.44 3.53 27.95
CA ALA A 115 40.47 2.58 28.39
C ALA A 115 41.86 3.03 27.95
N THR A 116 41.97 3.57 26.72
CA THR A 116 43.26 4.07 26.23
C THR A 116 43.83 5.13 27.18
N LEU A 117 43.02 6.13 27.56
CA LEU A 117 43.45 7.19 28.46
C LEU A 117 43.56 6.73 29.92
N THR A 118 42.76 5.75 30.36
CA THR A 118 42.88 5.25 31.72
C THR A 118 44.15 4.41 31.92
N ALA A 119 44.49 3.57 30.93
CA ALA A 119 45.68 2.73 31.04
C ALA A 119 46.95 3.56 31.11
N ARG A 120 47.12 4.50 30.18
CA ARG A 120 48.29 5.36 30.27
C ARG A 120 48.29 6.16 31.58
N ASN A 121 47.10 6.50 32.10
CA ASN A 121 46.99 7.19 33.39
C ASN A 121 47.35 6.28 34.57
N ARG A 122 46.80 5.07 34.60
CA ARG A 122 47.06 4.13 35.72
C ARG A 122 48.56 3.99 35.86
N GLU A 123 49.25 3.68 34.76
CA GLU A 123 50.71 3.42 34.79
C GLU A 123 51.45 4.65 35.33
N ALA A 124 51.03 5.84 34.92
CA ALA A 124 51.68 7.10 35.34
C ALA A 124 51.58 7.25 36.85
N LYS A 125 50.45 6.88 37.45
CA LYS A 125 50.25 6.96 38.92
C LYS A 125 51.12 5.91 39.61
N HIS A 142 66.09 11.80 43.29
CA HIS A 142 65.89 13.21 43.52
C HIS A 142 64.78 13.66 42.57
N VAL A 143 64.47 14.96 42.60
CA VAL A 143 63.40 15.47 41.74
C VAL A 143 63.83 15.45 40.28
N ILE A 144 65.11 15.74 39.98
CA ILE A 144 65.54 15.72 38.58
C ILE A 144 65.37 14.33 37.96
N SER A 145 65.81 13.28 38.66
CA SER A 145 65.67 11.96 38.04
C SER A 145 64.21 11.56 37.87
N GLN A 146 63.35 11.91 38.83
CA GLN A 146 61.92 11.66 38.67
C GLN A 146 61.36 12.37 37.45
N ALA A 147 61.74 13.63 37.25
CA ALA A 147 61.22 14.40 36.13
C ALA A 147 61.67 13.79 34.81
N GLU A 148 62.92 13.31 34.73
CA GLU A 148 63.37 12.69 33.50
C GLU A 148 62.60 11.40 33.21
N THR A 149 62.28 10.61 34.23
CA THR A 149 61.57 9.37 33.97
C THR A 149 60.15 9.65 33.50
N GLU A 150 59.52 10.67 34.08
CA GLU A 150 58.19 11.09 33.68
C GLU A 150 58.22 11.70 32.28
N LEU A 151 59.28 12.45 31.95
CA LEU A 151 59.42 12.95 30.59
C LEU A 151 59.51 11.83 29.58
N GLN A 152 60.36 10.85 29.86
CA GLN A 152 60.50 9.73 28.95
C GLN A 152 59.16 8.99 28.79
N ARG A 153 58.46 8.74 29.90
CA ARG A 153 57.17 8.03 29.86
C ARG A 153 56.13 8.82 29.08
N ALA A 154 56.10 10.15 29.30
CA ALA A 154 55.14 11.00 28.58
C ALA A 154 55.43 10.98 27.09
N ALA A 155 56.71 10.98 26.71
CA ALA A 155 57.05 10.93 25.30
C ALA A 155 56.60 9.62 24.66
N MET A 156 56.82 8.51 25.35
CA MET A 156 56.41 7.21 24.80
C MET A 156 54.89 7.14 24.66
N ASP A 157 54.19 7.56 25.69
CA ASP A 157 52.74 7.52 25.66
C ASP A 157 52.16 8.49 24.65
N ALA A 158 52.76 9.65 24.49
CA ALA A 158 52.25 10.57 23.49
C ALA A 158 52.39 9.99 22.09
N SER A 159 53.53 9.36 21.83
CA SER A 159 53.77 8.74 20.53
C SER A 159 52.80 7.57 20.28
N ARG A 160 52.63 6.70 21.29
CA ARG A 160 51.78 5.51 21.09
C ARG A 160 50.30 5.89 21.01
N THR A 161 49.88 6.85 21.84
CA THR A 161 48.46 7.23 21.89
C THR A 161 48.05 8.01 20.65
N SER A 162 48.91 8.89 20.16
CA SER A 162 48.54 9.63 18.96
C SER A 162 48.55 8.73 17.72
N ARG A 163 49.42 7.73 17.65
CA ARG A 163 49.36 6.74 16.58
C ARG A 163 48.04 5.96 16.63
N HIS A 164 47.64 5.57 17.83
CA HIS A 164 46.42 4.79 18.06
C HIS A 164 45.18 5.62 17.75
N LEU A 165 45.10 6.83 18.28
CA LEU A 165 43.93 7.65 18.04
C LEU A 165 43.76 7.93 16.56
N GLU A 166 44.88 8.17 15.87
CA GLU A 166 44.82 8.46 14.45
C GLU A 166 44.30 7.27 13.67
N GLU A 167 44.77 6.08 14.03
CA GLU A 167 44.34 4.86 13.33
C GLU A 167 42.90 4.51 13.68
N THR A 168 42.46 4.76 14.92
CA THR A 168 41.07 4.52 15.28
C THR A 168 40.12 5.45 14.54
N ILE A 169 40.46 6.75 14.48
CA ILE A 169 39.67 7.72 13.75
C ILE A 169 39.59 7.35 12.27
N ASN A 170 40.74 7.01 11.68
CA ASN A 170 40.78 6.80 10.25
C ASN A 170 40.00 5.54 9.88
N ASN A 171 40.16 4.47 10.68
CA ASN A 171 39.40 3.25 10.45
C ASN A 171 37.92 3.47 10.67
N PHE A 172 37.54 4.20 11.75
CA PHE A 172 36.11 4.41 12.02
C PHE A 172 35.45 5.12 10.85
N GLU A 173 36.12 6.15 10.34
CA GLU A 173 35.56 6.95 9.27
C GLU A 173 35.49 6.16 7.97
N ARG A 174 36.52 5.35 7.67
CA ARG A 174 36.52 4.50 6.48
C ARG A 174 35.44 3.42 6.57
N GLN A 175 35.23 2.87 7.76
CA GLN A 175 34.23 1.82 7.91
C GLN A 175 32.82 2.40 7.85
N LYS A 176 32.65 3.61 8.41
CA LYS A 176 31.36 4.28 8.42
C LYS A 176 30.90 4.57 7.00
N MET A 177 31.82 5.01 6.13
CA MET A 177 31.52 5.25 4.73
C MET A 177 31.19 3.95 4.02
N LYS A 178 31.99 2.91 4.26
CA LYS A 178 31.70 1.62 3.65
C LYS A 178 30.32 1.14 4.04
N ASP A 179 29.97 1.31 5.31
CA ASP A 179 28.75 0.79 5.85
C ASP A 179 27.57 1.58 5.34
N ILE A 180 27.71 2.91 5.29
CA ILE A 180 26.63 3.74 4.73
C ILE A 180 26.38 3.37 3.28
N LYS A 181 27.45 3.18 2.52
CA LYS A 181 27.29 2.80 1.12
C LYS A 181 26.57 1.45 1.01
N THR A 182 26.93 0.48 1.86
CA THR A 182 26.35 -0.85 1.83
C THR A 182 24.86 -0.79 2.18
N ILE A 183 24.54 -0.05 3.22
CA ILE A 183 23.20 -0.07 3.76
C ILE A 183 22.23 0.60 2.81
N PHE A 184 22.60 1.75 2.25
CA PHE A 184 21.75 2.43 1.28
C PHE A 184 21.75 1.69 -0.04
N SER A 185 22.85 1.02 -0.39
CA SER A 185 22.84 0.24 -1.62
C SER A 185 21.93 -0.97 -1.49
N GLU A 186 21.91 -1.62 -0.31
CA GLU A 186 20.96 -2.71 -0.06
C GLU A 186 19.52 -2.23 -0.07
N PHE A 187 19.21 -1.10 0.60
CA PHE A 187 17.85 -0.56 0.54
C PHE A 187 17.42 -0.36 -0.90
N ILE A 188 18.29 0.25 -1.69
CA ILE A 188 17.93 0.56 -3.06
C ILE A 188 17.79 -0.73 -3.87
N THR A 189 18.70 -1.69 -3.65
CA THR A 189 18.62 -2.94 -4.37
C THR A 189 17.32 -3.69 -4.08
N ILE A 190 16.95 -3.74 -2.80
CA ILE A 190 15.77 -4.47 -2.33
C ILE A 190 14.51 -3.87 -2.92
N GLU A 191 14.45 -2.52 -2.95
CA GLU A 191 13.31 -1.83 -3.53
C GLU A 191 13.26 -2.00 -5.04
N MET A 192 14.40 -1.89 -5.72
CA MET A 192 14.41 -2.09 -7.17
C MET A 192 13.91 -3.47 -7.55
N LEU A 193 14.32 -4.49 -6.80
CA LEU A 193 13.89 -5.85 -7.11
C LEU A 193 12.37 -5.98 -6.93
N PHE A 194 11.83 -5.43 -5.84
CA PHE A 194 10.36 -5.46 -5.67
C PHE A 194 9.66 -4.69 -6.78
N HIS A 195 10.12 -3.47 -7.07
CA HIS A 195 9.41 -2.71 -8.10
C HIS A 195 9.51 -3.40 -9.45
N GLY A 196 10.62 -4.09 -9.69
CA GLY A 196 10.79 -4.81 -10.93
C GLY A 196 9.80 -5.94 -11.08
N LYS A 197 9.62 -6.74 -10.03
CA LYS A 197 8.62 -7.81 -10.02
C LYS A 197 7.19 -7.26 -10.11
N ALA A 198 6.88 -6.18 -9.38
CA ALA A 198 5.56 -5.58 -9.42
C ALA A 198 5.21 -5.17 -10.85
N LEU A 199 6.16 -4.54 -11.53
CA LEU A 199 5.90 -4.12 -12.90
C LEU A 199 5.50 -5.29 -13.79
N GLU A 200 6.22 -6.39 -13.69
CA GLU A 200 5.95 -7.52 -14.56
C GLU A 200 4.67 -8.25 -14.15
N VAL A 201 4.32 -8.24 -12.87
CA VAL A 201 3.06 -8.82 -12.44
C VAL A 201 1.88 -7.97 -12.94
N TYR A 202 1.92 -6.67 -12.71
CA TYR A 202 0.85 -5.80 -13.15
C TYR A 202 0.76 -5.77 -14.68
N THR A 203 1.89 -5.88 -15.39
CA THR A 203 1.81 -5.92 -16.84
C THR A 203 1.05 -7.17 -17.30
N ALA A 204 1.26 -8.29 -16.63
CA ALA A 204 0.50 -9.51 -16.92
C ALA A 204 -0.95 -9.38 -16.49
N ALA A 205 -1.20 -8.94 -15.25
CA ALA A 205 -2.57 -8.89 -14.75
C ALA A 205 -3.47 -8.01 -15.61
N TYR A 206 -2.92 -6.95 -16.20
CA TYR A 206 -3.71 -6.05 -17.03
C TYR A 206 -4.41 -6.83 -18.14
N GLN A 207 -3.70 -7.76 -18.77
CA GLN A 207 -4.25 -8.47 -19.91
C GLN A 207 -5.46 -9.32 -19.54
N ASN A 208 -5.37 -10.12 -18.47
CA ASN A 208 -6.49 -11.02 -18.20
C ASN A 208 -7.69 -10.30 -17.62
N ILE A 209 -7.51 -9.12 -17.00
CA ILE A 209 -8.67 -8.29 -16.73
C ILE A 209 -9.27 -7.79 -18.04
N GLN A 210 -8.40 -7.43 -19.00
CA GLN A 210 -8.88 -6.88 -20.27
C GLN A 210 -9.50 -7.95 -21.17
N ASN A 211 -9.05 -9.20 -21.07
CA ASN A 211 -9.58 -10.29 -21.89
C ASN A 211 -10.72 -11.03 -21.20
N ILE A 212 -11.34 -10.42 -20.19
CA ILE A 212 -12.59 -10.94 -19.65
C ILE A 212 -13.63 -10.76 -20.76
N ASP A 213 -14.07 -11.86 -21.37
CA ASP A 213 -15.02 -11.78 -22.48
C ASP A 213 -16.39 -11.40 -21.94
N GLU A 214 -16.93 -10.28 -22.44
CA GLU A 214 -18.19 -9.74 -21.95
C GLU A 214 -19.37 -10.70 -22.12
N ASP A 215 -19.16 -11.86 -22.76
CA ASP A 215 -20.17 -12.94 -22.73
C ASP A 215 -19.99 -13.80 -21.47
N MET B 1 -48.68 -15.68 -23.32
CA MET B 1 -49.54 -16.28 -22.25
C MET B 1 -49.42 -15.47 -20.97
N MET B 2 -50.53 -15.41 -20.25
CA MET B 2 -50.52 -14.72 -18.96
C MET B 2 -49.79 -15.52 -17.88
N ARG B 3 -49.94 -16.85 -17.88
CA ARG B 3 -49.19 -17.71 -16.94
C ARG B 3 -47.68 -17.42 -17.02
N ARG B 4 -47.16 -17.34 -18.25
CA ARG B 4 -45.74 -17.11 -18.48
C ARG B 4 -45.32 -15.69 -18.10
N THR B 5 -46.16 -14.69 -18.37
CA THR B 5 -45.77 -13.31 -18.07
C THR B 5 -45.68 -13.08 -16.55
N LEU B 6 -46.67 -13.56 -15.81
CA LEU B 6 -46.65 -13.49 -14.35
C LEU B 6 -45.46 -14.25 -13.76
N GLU B 7 -45.17 -15.44 -14.29
CA GLU B 7 -43.98 -16.18 -13.83
C GLU B 7 -42.70 -15.39 -14.15
N ASN B 8 -42.61 -14.85 -15.37
CA ASN B 8 -41.38 -14.16 -15.71
C ASN B 8 -41.26 -12.85 -14.94
N ARG B 9 -42.38 -12.24 -14.54
CA ARG B 9 -42.26 -11.03 -13.72
C ARG B 9 -41.64 -11.37 -12.37
N ASN B 10 -42.09 -12.47 -11.77
CA ASN B 10 -41.61 -12.92 -10.47
C ASN B 10 -40.15 -13.37 -10.51
N ALA B 11 -39.73 -13.98 -11.62
CA ALA B 11 -38.37 -14.51 -11.70
C ALA B 11 -37.36 -13.38 -11.87
N GLN B 12 -37.72 -12.37 -12.65
CA GLN B 12 -36.87 -11.21 -12.91
C GLN B 12 -36.72 -10.35 -11.67
N THR B 13 -37.81 -10.17 -10.92
CA THR B 13 -37.76 -9.47 -9.65
C THR B 13 -36.78 -10.15 -8.71
N LYS B 14 -36.89 -11.48 -8.57
CA LYS B 14 -35.94 -12.23 -7.74
C LYS B 14 -34.53 -12.17 -8.33
N GLN B 15 -34.39 -12.29 -9.64
CA GLN B 15 -33.06 -12.17 -10.24
C GLN B 15 -32.42 -10.81 -9.96
N LEU B 16 -33.18 -9.71 -10.08
CA LEU B 16 -32.62 -8.39 -9.88
C LEU B 16 -32.21 -8.17 -8.43
N GLN B 17 -33.09 -8.51 -7.49
CA GLN B 17 -32.77 -8.32 -6.07
C GLN B 17 -31.55 -9.14 -5.65
N THR B 18 -31.36 -10.33 -6.19
CA THR B 18 -30.20 -11.14 -5.82
C THR B 18 -28.93 -10.50 -6.32
N ALA B 19 -28.95 -10.04 -7.58
CA ALA B 19 -27.79 -9.36 -8.16
C ALA B 19 -27.48 -8.06 -7.44
N VAL B 20 -28.50 -7.26 -7.15
CA VAL B 20 -28.28 -5.96 -6.50
C VAL B 20 -27.65 -6.17 -5.12
N SER B 21 -28.09 -7.22 -4.40
CA SER B 21 -27.58 -7.50 -3.07
C SER B 21 -26.13 -8.00 -3.15
N ASN B 22 -25.83 -8.81 -4.16
CA ASN B 22 -24.48 -9.30 -4.39
C ASN B 22 -23.53 -8.16 -4.70
N VAL B 23 -23.91 -7.29 -5.64
CA VAL B 23 -23.06 -6.14 -5.95
C VAL B 23 -22.87 -5.27 -4.71
N GLU B 24 -23.94 -5.01 -3.98
CA GLU B 24 -23.84 -4.20 -2.78
C GLU B 24 -22.83 -4.76 -1.81
N LYS B 25 -22.95 -6.05 -1.50
CA LYS B 25 -22.10 -6.67 -0.49
C LYS B 25 -20.62 -6.63 -0.91
N HIS B 26 -20.32 -7.07 -2.14
CA HIS B 26 -18.96 -7.22 -2.60
C HIS B 26 -18.34 -5.92 -3.10
N PHE B 27 -19.08 -5.08 -3.83
CA PHE B 27 -18.51 -3.79 -4.19
C PHE B 27 -18.24 -2.94 -2.94
N GLY B 28 -19.10 -3.06 -1.93
CA GLY B 28 -18.90 -2.31 -0.70
C GLY B 28 -17.69 -2.81 0.07
N GLU B 29 -17.47 -4.12 0.05
CA GLU B 29 -16.28 -4.68 0.68
C GLU B 29 -15.01 -4.26 -0.08
N LEU B 30 -15.01 -4.35 -1.42
CA LEU B 30 -13.90 -3.86 -2.19
C LEU B 30 -13.66 -2.38 -1.92
N CYS B 31 -14.74 -1.61 -1.80
CA CYS B 31 -14.59 -0.18 -1.57
C CYS B 31 -13.79 0.07 -0.29
N GLN B 32 -14.18 -0.57 0.81
CA GLN B 32 -13.54 -0.25 2.08
C GLN B 32 -12.12 -0.84 2.19
N ILE B 33 -11.82 -1.95 1.50
CA ILE B 33 -10.49 -2.52 1.48
C ILE B 33 -9.59 -1.71 0.56
N PHE B 34 -10.05 -1.33 -0.63
CA PHE B 34 -9.24 -0.44 -1.44
C PHE B 34 -8.97 0.87 -0.71
N ALA B 35 -9.99 1.41 -0.03
CA ALA B 35 -9.77 2.64 0.73
C ALA B 35 -8.73 2.44 1.82
N ALA B 36 -8.73 1.27 2.48
CA ALA B 36 -7.70 1.01 3.50
C ALA B 36 -6.34 0.85 2.86
N TYR B 37 -6.30 0.17 1.69
CA TYR B 37 -5.05 0.09 0.96
C TYR B 37 -4.49 1.48 0.63
N VAL B 38 -5.34 2.40 0.19
CA VAL B 38 -4.87 3.75 -0.10
C VAL B 38 -4.35 4.41 1.17
N ARG B 39 -5.03 4.23 2.29
CA ARG B 39 -4.58 4.83 3.54
C ARG B 39 -3.22 4.29 3.97
N LYS B 40 -3.01 2.98 3.86
CA LYS B 40 -1.71 2.43 4.23
C LYS B 40 -0.62 2.91 3.27
N THR B 41 -0.97 3.10 2.01
CA THR B 41 0.00 3.62 1.06
C THR B 41 0.39 5.04 1.45
N ALA B 42 -0.56 5.84 1.92
CA ALA B 42 -0.26 7.19 2.41
C ALA B 42 0.54 7.16 3.71
N ARG B 43 0.25 6.18 4.60
CA ARG B 43 1.04 6.08 5.83
C ARG B 43 2.50 5.71 5.52
N LEU B 44 2.71 4.81 4.54
CA LEU B 44 4.07 4.52 4.07
C LEU B 44 4.74 5.77 3.49
N ARG B 45 4.00 6.53 2.70
CA ARG B 45 4.53 7.78 2.18
C ARG B 45 4.94 8.72 3.32
N ASP B 46 4.17 8.74 4.43
CA ASP B 46 4.55 9.57 5.58
C ASP B 46 5.92 9.18 6.14
N LYS B 47 6.13 7.88 6.31
CA LYS B 47 7.36 7.37 6.85
C LYS B 47 8.51 7.64 5.91
N ALA B 48 8.26 7.54 4.60
CA ALA B 48 9.30 7.86 3.64
C ALA B 48 9.69 9.33 3.70
N ASP B 49 8.70 10.23 3.88
CA ASP B 49 9.04 11.64 4.04
C ASP B 49 9.97 11.88 5.25
N LEU B 50 9.67 11.25 6.38
CA LEU B 50 10.54 11.38 7.56
C LEU B 50 11.95 10.87 7.29
N LEU B 51 12.06 9.84 6.46
CA LEU B 51 13.36 9.34 6.08
C LEU B 51 14.09 10.36 5.24
N VAL B 52 13.38 10.92 4.26
CA VAL B 52 13.96 12.04 3.51
C VAL B 52 14.56 13.07 4.47
N ASN B 53 13.80 13.46 5.50
CA ASN B 53 14.24 14.53 6.38
C ASN B 53 15.45 14.10 7.21
N GLU B 54 15.49 12.86 7.69
CA GLU B 54 16.61 12.40 8.48
C GLU B 54 17.84 12.14 7.60
N ILE B 55 17.66 11.65 6.38
CA ILE B 55 18.83 11.54 5.50
C ILE B 55 19.44 12.92 5.29
N ASN B 56 18.58 13.92 5.02
CA ASN B 56 19.09 15.29 4.89
C ASN B 56 19.75 15.78 6.17
N ALA B 57 19.14 15.51 7.33
CA ALA B 57 19.72 15.98 8.59
C ALA B 57 21.08 15.35 8.84
N TYR B 58 21.22 14.07 8.52
CA TYR B 58 22.54 13.45 8.72
C TYR B 58 23.55 13.98 7.70
N ALA B 59 23.15 14.13 6.44
CA ALA B 59 24.04 14.64 5.40
C ALA B 59 24.60 16.01 5.76
N ALA B 60 23.76 16.85 6.36
CA ALA B 60 24.16 18.19 6.77
C ALA B 60 25.40 18.16 7.67
N THR B 61 25.57 17.09 8.44
CA THR B 61 26.70 17.00 9.38
C THR B 61 27.97 16.43 8.76
N GLU B 62 27.97 16.08 7.49
CA GLU B 62 29.02 15.19 7.00
C GLU B 62 30.01 15.94 6.11
N THR B 63 31.04 15.18 5.69
CA THR B 63 32.11 15.68 4.85
C THR B 63 31.61 15.87 3.42
N PRO B 64 32.27 16.74 2.64
CA PRO B 64 31.69 17.20 1.36
C PRO B 64 31.08 16.14 0.45
N HIS B 65 31.89 15.16 0.04
CA HIS B 65 31.47 14.16 -0.93
C HIS B 65 30.31 13.31 -0.41
N LEU B 66 30.37 12.96 0.87
CA LEU B 66 29.32 12.13 1.48
C LEU B 66 28.04 12.93 1.64
N LYS B 67 28.15 14.20 2.04
CA LYS B 67 26.99 15.08 2.15
C LYS B 67 26.31 15.18 0.80
N LEU B 68 27.10 15.43 -0.24
CA LEU B 68 26.55 15.60 -1.59
C LEU B 68 25.78 14.35 -2.02
N GLY B 69 26.38 13.17 -1.83
CA GLY B 69 25.73 11.94 -2.25
C GLY B 69 24.45 11.65 -1.47
N LEU B 70 24.45 11.93 -0.18
CA LEU B 70 23.25 11.64 0.61
C LEU B 70 22.12 12.61 0.31
N MET B 71 22.43 13.90 0.11
CA MET B 71 21.41 14.88 -0.24
C MET B 71 20.89 14.63 -1.63
N ASN B 72 21.75 14.15 -2.53
CA ASN B 72 21.26 13.77 -3.85
C ASN B 72 20.31 12.57 -3.75
N PHE B 73 20.64 11.59 -2.91
CA PHE B 73 19.73 10.47 -2.73
C PHE B 73 18.41 10.94 -2.09
N ALA B 74 18.49 11.82 -1.09
CA ALA B 74 17.27 12.31 -0.46
C ALA B 74 16.36 13.03 -1.46
N ASP B 75 16.93 13.79 -2.40
CA ASP B 75 16.11 14.47 -3.41
C ASP B 75 15.39 13.49 -4.30
N GLU B 76 16.10 12.47 -4.77
CA GLU B 76 15.50 11.40 -5.58
C GLU B 76 14.39 10.70 -4.80
N PHE B 77 14.68 10.29 -3.58
CA PHE B 77 13.67 9.61 -2.77
C PHE B 77 12.47 10.51 -2.49
N ALA B 78 12.70 11.80 -2.26
CA ALA B 78 11.58 12.74 -2.08
C ALA B 78 10.73 12.85 -3.33
N LYS B 79 11.37 12.89 -4.51
CA LYS B 79 10.59 12.92 -5.74
C LYS B 79 9.72 11.65 -5.85
N LEU B 80 10.27 10.49 -5.49
CA LEU B 80 9.49 9.27 -5.45
C LEU B 80 8.28 9.43 -4.54
N GLN B 81 8.41 10.20 -3.47
CA GLN B 81 7.27 10.30 -2.55
C GLN B 81 6.18 11.20 -3.10
N ASP B 82 6.57 12.19 -3.94
CA ASP B 82 5.60 12.94 -4.72
C ASP B 82 4.85 12.04 -5.69
N TYR B 83 5.53 11.06 -6.29
CA TYR B 83 4.81 10.13 -7.17
C TYR B 83 3.89 9.20 -6.38
N ARG B 84 4.35 8.74 -5.21
CA ARG B 84 3.50 7.96 -4.34
C ARG B 84 2.27 8.77 -3.93
N GLN B 85 2.43 10.07 -3.67
CA GLN B 85 1.26 10.84 -3.26
C GLN B 85 0.27 10.94 -4.43
N ALA B 86 0.78 11.10 -5.65
CA ALA B 86 -0.06 11.10 -6.82
C ALA B 86 -0.72 9.75 -7.03
N GLU B 87 -0.03 8.64 -6.73
CA GLU B 87 -0.64 7.32 -6.77
C GLU B 87 -1.82 7.25 -5.81
N VAL B 88 -1.59 7.67 -4.56
CA VAL B 88 -2.64 7.74 -3.53
C VAL B 88 -3.87 8.50 -4.03
N GLU B 89 -3.65 9.67 -4.64
CA GLU B 89 -4.77 10.52 -5.03
C GLU B 89 -5.52 9.92 -6.21
N ARG B 90 -4.81 9.27 -7.13
CA ARG B 90 -5.46 8.69 -8.29
C ARG B 90 -6.21 7.42 -7.90
N LEU B 91 -5.64 6.60 -7.00
CA LEU B 91 -6.40 5.44 -6.50
C LEU B 91 -7.73 5.89 -5.86
N GLU B 92 -7.70 6.96 -5.08
CA GLU B 92 -8.89 7.47 -4.42
C GLU B 92 -9.90 7.92 -5.46
N ALA B 93 -9.44 8.63 -6.48
CA ALA B 93 -10.34 9.21 -7.46
C ALA B 93 -10.91 8.17 -8.42
N LYS B 94 -10.12 7.16 -8.83
CA LYS B 94 -10.47 6.32 -9.96
C LYS B 94 -10.76 4.88 -9.57
N VAL B 95 -10.58 4.53 -8.30
CA VAL B 95 -10.85 3.17 -7.83
C VAL B 95 -11.82 3.24 -6.66
N VAL B 96 -11.48 4.00 -5.61
CA VAL B 96 -12.34 4.02 -4.42
C VAL B 96 -13.65 4.75 -4.71
N GLU B 97 -13.60 5.94 -5.30
CA GLU B 97 -14.85 6.69 -5.52
C GLU B 97 -15.82 6.02 -6.48
N PRO B 98 -15.41 5.42 -7.62
CA PRO B 98 -16.38 4.65 -8.44
C PRO B 98 -17.00 3.47 -7.71
N LEU B 99 -16.25 2.77 -6.85
CA LEU B 99 -16.86 1.71 -6.06
C LEU B 99 -17.87 2.29 -5.07
N LYS B 100 -17.53 3.45 -4.48
CA LYS B 100 -18.43 4.08 -3.52
C LYS B 100 -19.72 4.54 -4.17
N THR B 101 -19.65 4.97 -5.42
CA THR B 101 -20.85 5.35 -6.16
C THR B 101 -21.83 4.19 -6.24
N TYR B 102 -21.35 2.95 -6.11
CA TYR B 102 -22.27 1.83 -6.19
C TYR B 102 -23.20 1.77 -4.99
N GLY B 103 -22.86 2.39 -3.87
CA GLY B 103 -23.84 2.49 -2.79
C GLY B 103 -25.08 3.26 -3.20
N THR B 104 -24.89 4.30 -4.01
CA THR B 104 -26.02 5.06 -4.53
C THR B 104 -26.76 4.31 -5.60
N ILE B 105 -26.03 3.69 -6.54
CA ILE B 105 -26.66 2.92 -7.60
C ILE B 105 -27.53 1.83 -6.98
N VAL B 106 -26.96 1.12 -6.01
CA VAL B 106 -27.69 0.08 -5.30
C VAL B 106 -28.90 0.65 -4.57
N LYS B 107 -28.74 1.81 -3.93
CA LYS B 107 -29.88 2.41 -3.23
C LYS B 107 -31.02 2.72 -4.20
N MET B 108 -30.69 3.28 -5.38
CA MET B 108 -31.70 3.59 -6.37
C MET B 108 -32.41 2.33 -6.86
N LYS B 109 -31.66 1.23 -7.05
CA LYS B 109 -32.29 -0.01 -7.47
C LYS B 109 -33.24 -0.53 -6.40
N ARG B 110 -32.84 -0.47 -5.14
CA ARG B 110 -33.72 -0.95 -4.08
C ARG B 110 -34.97 -0.10 -3.92
N ASP B 111 -34.86 1.22 -4.04
CA ASP B 111 -36.01 2.10 -3.93
C ASP B 111 -37.01 1.80 -5.04
N ASP B 112 -36.52 1.47 -6.23
CA ASP B 112 -37.43 1.18 -7.33
C ASP B 112 -38.12 -0.17 -7.12
N LEU B 113 -37.37 -1.18 -6.64
CA LEU B 113 -38.00 -2.46 -6.30
C LEU B 113 -39.08 -2.27 -5.22
N LYS B 114 -38.75 -1.50 -4.17
CA LYS B 114 -39.73 -1.22 -3.13
C LYS B 114 -40.94 -0.51 -3.72
N ALA B 115 -40.72 0.47 -4.60
CA ALA B 115 -41.86 1.17 -5.20
C ALA B 115 -42.74 0.21 -5.98
N THR B 116 -42.11 -0.62 -6.83
CA THR B 116 -42.87 -1.61 -7.59
C THR B 116 -43.65 -2.54 -6.69
N LEU B 117 -43.02 -3.01 -5.61
CA LEU B 117 -43.68 -3.98 -4.75
C LEU B 117 -44.84 -3.36 -3.99
N THR B 118 -44.75 -2.09 -3.59
CA THR B 118 -45.90 -1.49 -2.92
C THR B 118 -47.03 -1.25 -3.92
N ALA B 119 -46.69 -0.90 -5.16
CA ALA B 119 -47.73 -0.77 -6.17
C ALA B 119 -48.40 -2.11 -6.40
N ARG B 120 -47.62 -3.16 -6.58
CA ARG B 120 -48.18 -4.49 -6.78
C ARG B 120 -49.04 -4.94 -5.59
N ASN B 121 -48.68 -4.53 -4.38
CA ASN B 121 -49.47 -4.87 -3.20
C ASN B 121 -50.82 -4.17 -3.21
N ARG B 122 -50.82 -2.88 -3.57
CA ARG B 122 -52.07 -2.13 -3.71
C ARG B 122 -52.96 -2.75 -4.80
N GLU B 123 -52.38 -3.09 -5.95
CA GLU B 123 -53.17 -3.65 -7.04
C GLU B 123 -53.74 -5.01 -6.64
N ALA B 124 -52.94 -5.81 -5.95
CA ALA B 124 -53.37 -7.13 -5.52
C ALA B 124 -54.52 -7.05 -4.51
N LYS B 125 -54.52 -6.03 -3.65
CA LYS B 125 -55.61 -5.80 -2.72
C LYS B 125 -56.86 -5.44 -3.49
N GLN B 126 -56.72 -4.53 -4.46
CA GLN B 126 -57.83 -4.12 -5.28
C GLN B 126 -58.44 -5.31 -6.02
N LEU B 127 -57.57 -6.16 -6.60
CA LEU B 127 -58.05 -7.29 -7.39
C LEU B 127 -58.74 -8.31 -6.51
N THR B 128 -58.18 -8.61 -5.35
CA THR B 128 -58.84 -9.61 -4.52
C THR B 128 -60.13 -9.06 -3.93
N GLN B 129 -60.18 -7.74 -3.65
CA GLN B 129 -61.42 -7.14 -3.14
C GLN B 129 -62.53 -7.19 -4.19
N LEU B 130 -62.17 -6.95 -5.45
CA LEU B 130 -63.13 -6.99 -6.54
C LEU B 130 -63.66 -8.41 -6.74
N GLU B 131 -62.79 -9.41 -6.61
CA GLU B 131 -63.27 -10.79 -6.69
C GLU B 131 -64.18 -11.12 -5.50
N ARG B 132 -63.89 -10.59 -4.32
CA ARG B 132 -64.82 -10.81 -3.21
C ARG B 132 -66.19 -10.18 -3.51
N THR B 133 -66.20 -8.99 -4.12
CA THR B 133 -67.47 -8.35 -4.47
C THR B 133 -68.24 -9.17 -5.49
N ARG B 134 -67.56 -9.67 -6.52
CA ARG B 134 -68.19 -10.50 -7.53
C ARG B 134 -68.83 -11.74 -6.89
N GLN B 135 -68.12 -12.41 -5.98
CA GLN B 135 -68.69 -13.59 -5.33
C GLN B 135 -69.94 -13.27 -4.53
N ARG B 136 -70.06 -12.04 -4.02
CA ARG B 136 -71.23 -11.63 -3.23
C ARG B 136 -72.38 -11.08 -4.06
N ASN B 137 -72.13 -10.68 -5.30
CA ASN B 137 -73.20 -10.21 -6.22
C ASN B 137 -72.77 -10.60 -7.61
N PRO B 138 -72.77 -11.90 -7.96
CA PRO B 138 -72.15 -12.36 -9.22
C PRO B 138 -72.92 -12.01 -10.49
N SER B 139 -74.17 -11.55 -10.40
CA SER B 139 -74.95 -11.17 -11.58
C SER B 139 -74.91 -9.67 -11.86
N ASP B 140 -74.30 -8.88 -10.96
CA ASP B 140 -74.09 -7.45 -11.18
C ASP B 140 -73.31 -7.19 -12.46
N ARG B 141 -74.00 -6.61 -13.45
CA ARG B 141 -73.37 -6.32 -14.75
C ARG B 141 -72.19 -5.38 -14.61
N HIS B 142 -72.29 -4.43 -13.69
CA HIS B 142 -71.20 -3.47 -13.53
C HIS B 142 -70.00 -4.11 -12.86
N VAL B 143 -70.19 -5.05 -11.94
CA VAL B 143 -69.01 -5.70 -11.35
C VAL B 143 -68.37 -6.63 -12.37
N ILE B 144 -69.21 -7.30 -13.17
CA ILE B 144 -68.68 -8.14 -14.24
C ILE B 144 -67.84 -7.29 -15.16
N SER B 145 -68.32 -6.10 -15.51
CA SER B 145 -67.56 -5.22 -16.39
C SER B 145 -66.30 -4.70 -15.72
N GLN B 146 -66.35 -4.37 -14.42
CA GLN B 146 -65.11 -3.99 -13.72
C GLN B 146 -64.11 -5.13 -13.74
N ALA B 147 -64.57 -6.35 -13.49
CA ALA B 147 -63.67 -7.50 -13.48
C ALA B 147 -63.04 -7.72 -14.85
N GLU B 148 -63.83 -7.59 -15.94
CA GLU B 148 -63.24 -7.71 -17.28
C GLU B 148 -62.22 -6.62 -17.54
N THR B 149 -62.50 -5.40 -17.10
CA THR B 149 -61.56 -4.30 -17.30
C THR B 149 -60.29 -4.53 -16.50
N GLU B 150 -60.42 -5.03 -15.27
CA GLU B 150 -59.24 -5.27 -14.44
C GLU B 150 -58.41 -6.44 -14.96
N LEU B 151 -59.06 -7.49 -15.49
CA LEU B 151 -58.29 -8.59 -16.08
C LEU B 151 -57.39 -8.10 -17.23
N GLN B 152 -57.95 -7.33 -18.18
CA GLN B 152 -57.15 -6.82 -19.29
C GLN B 152 -56.02 -5.93 -18.81
N ARG B 153 -56.33 -5.02 -17.87
CA ARG B 153 -55.31 -4.08 -17.42
C ARG B 153 -54.17 -4.81 -16.70
N ALA B 154 -54.49 -5.75 -15.80
CA ALA B 154 -53.41 -6.44 -15.06
C ALA B 154 -52.54 -7.24 -16.02
N ALA B 155 -53.15 -7.80 -17.07
CA ALA B 155 -52.39 -8.53 -18.08
C ALA B 155 -51.41 -7.61 -18.80
N MET B 156 -51.89 -6.42 -19.17
CA MET B 156 -51.03 -5.47 -19.86
C MET B 156 -49.90 -5.01 -18.96
N ASP B 157 -50.20 -4.74 -17.68
CA ASP B 157 -49.23 -4.23 -16.73
C ASP B 157 -48.15 -5.27 -16.44
N ALA B 158 -48.54 -6.56 -16.41
CA ALA B 158 -47.56 -7.65 -16.21
C ALA B 158 -46.56 -7.69 -17.35
N SER B 159 -47.04 -7.55 -18.60
CA SER B 159 -46.13 -7.56 -19.74
C SER B 159 -45.20 -6.36 -19.72
N ARG B 160 -45.74 -5.17 -19.44
CA ARG B 160 -44.89 -3.99 -19.46
C ARG B 160 -43.84 -4.06 -18.37
N THR B 161 -44.21 -4.58 -17.20
CA THR B 161 -43.28 -4.67 -16.08
C THR B 161 -42.19 -5.69 -16.34
N SER B 162 -42.51 -6.83 -16.94
CA SER B 162 -41.45 -7.80 -17.16
C SER B 162 -40.52 -7.30 -18.27
N ARG B 163 -41.07 -6.60 -19.27
CA ARG B 163 -40.23 -5.89 -20.26
C ARG B 163 -39.32 -4.88 -19.56
N HIS B 164 -39.87 -4.16 -18.58
CA HIS B 164 -39.09 -3.19 -17.83
C HIS B 164 -37.99 -3.88 -17.05
N LEU B 165 -38.36 -4.94 -16.32
CA LEU B 165 -37.41 -5.67 -15.51
C LEU B 165 -36.27 -6.23 -16.37
N GLU B 166 -36.60 -6.74 -17.55
CA GLU B 166 -35.55 -7.32 -18.39
C GLU B 166 -34.52 -6.29 -18.80
N GLU B 167 -34.96 -5.08 -19.13
CA GLU B 167 -34.01 -4.06 -19.54
C GLU B 167 -33.21 -3.53 -18.35
N THR B 168 -33.85 -3.47 -17.18
CA THR B 168 -33.18 -3.03 -15.97
C THR B 168 -32.10 -4.01 -15.55
N ILE B 169 -32.41 -5.30 -15.59
CA ILE B 169 -31.41 -6.34 -15.32
C ILE B 169 -30.25 -6.25 -16.31
N ASN B 170 -30.59 -6.12 -17.59
CA ASN B 170 -29.55 -6.16 -18.61
C ASN B 170 -28.67 -4.92 -18.57
N ASN B 171 -29.26 -3.74 -18.27
CA ASN B 171 -28.45 -2.54 -18.09
C ASN B 171 -27.56 -2.64 -16.87
N PHE B 172 -28.12 -3.11 -15.75
CA PHE B 172 -27.34 -3.17 -14.52
C PHE B 172 -26.13 -4.07 -14.68
N GLU B 173 -26.32 -5.23 -15.32
CA GLU B 173 -25.26 -6.23 -15.49
C GLU B 173 -24.23 -5.77 -16.51
N ARG B 174 -24.69 -5.16 -17.60
CA ARG B 174 -23.76 -4.66 -18.60
C ARG B 174 -22.89 -3.55 -18.01
N GLN B 175 -23.50 -2.67 -17.21
CA GLN B 175 -22.79 -1.57 -16.59
C GLN B 175 -21.86 -2.09 -15.48
N LYS B 176 -22.32 -3.08 -14.72
CA LYS B 176 -21.52 -3.66 -13.65
C LYS B 176 -20.23 -4.26 -14.21
N MET B 177 -20.33 -4.95 -15.35
CA MET B 177 -19.18 -5.54 -16.02
C MET B 177 -18.27 -4.47 -16.57
N LYS B 178 -18.84 -3.45 -17.22
CA LYS B 178 -18.02 -2.35 -17.72
C LYS B 178 -17.27 -1.65 -16.59
N ASP B 179 -17.95 -1.41 -15.45
CA ASP B 179 -17.36 -0.67 -14.36
C ASP B 179 -16.27 -1.48 -13.64
N ILE B 180 -16.52 -2.75 -13.39
CA ILE B 180 -15.53 -3.56 -12.71
C ILE B 180 -14.28 -3.70 -13.56
N LYS B 181 -14.44 -3.84 -14.88
CA LYS B 181 -13.24 -3.86 -15.73
C LYS B 181 -12.51 -2.52 -15.68
N THR B 182 -13.25 -1.40 -15.74
CA THR B 182 -12.64 -0.10 -15.65
C THR B 182 -11.92 0.08 -14.33
N ILE B 183 -12.55 -0.36 -13.24
CA ILE B 183 -11.99 -0.11 -11.92
C ILE B 183 -10.70 -0.91 -11.73
N PHE B 184 -10.70 -2.19 -12.11
CA PHE B 184 -9.49 -2.98 -11.95
C PHE B 184 -8.45 -2.57 -12.96
N SER B 185 -8.87 -2.07 -14.13
CA SER B 185 -7.89 -1.61 -15.10
C SER B 185 -7.21 -0.33 -14.61
N GLU B 186 -7.97 0.57 -14.01
CA GLU B 186 -7.38 1.76 -13.42
C GLU B 186 -6.42 1.43 -12.27
N PHE B 187 -6.82 0.54 -11.35
CA PHE B 187 -5.92 0.14 -10.27
C PHE B 187 -4.59 -0.39 -10.81
N ILE B 188 -4.65 -1.26 -11.82
CA ILE B 188 -3.43 -1.83 -12.37
C ILE B 188 -2.59 -0.78 -13.06
N THR B 189 -3.23 0.06 -13.87
CA THR B 189 -2.52 1.08 -14.60
C THR B 189 -1.85 2.07 -13.66
N ILE B 190 -2.56 2.46 -12.58
CA ILE B 190 -2.06 3.42 -11.60
C ILE B 190 -0.85 2.86 -10.87
N GLU B 191 -0.90 1.57 -10.49
CA GLU B 191 0.23 0.95 -9.79
C GLU B 191 1.41 0.76 -10.72
N MET B 192 1.14 0.26 -11.93
CA MET B 192 2.18 0.04 -12.92
C MET B 192 2.90 1.34 -13.24
N LEU B 193 2.17 2.45 -13.26
CA LEU B 193 2.83 3.72 -13.45
C LEU B 193 3.72 4.08 -12.25
N PHE B 194 3.23 3.88 -11.02
CA PHE B 194 4.07 4.15 -9.88
C PHE B 194 5.31 3.24 -9.88
N HIS B 195 5.12 1.93 -10.11
CA HIS B 195 6.26 1.03 -10.02
C HIS B 195 7.30 1.34 -11.08
N GLY B 196 6.87 1.81 -12.27
CA GLY B 196 7.82 2.17 -13.30
C GLY B 196 8.63 3.41 -12.96
N LYS B 197 7.96 4.44 -12.43
CA LYS B 197 8.66 5.63 -11.95
C LYS B 197 9.61 5.29 -10.80
N ALA B 198 9.18 4.46 -9.84
CA ALA B 198 10.06 4.04 -8.74
C ALA B 198 11.32 3.33 -9.27
N LEU B 199 11.13 2.34 -10.14
CA LEU B 199 12.28 1.65 -10.71
C LEU B 199 13.22 2.64 -11.38
N GLU B 200 12.66 3.63 -12.08
CA GLU B 200 13.52 4.57 -12.79
C GLU B 200 14.25 5.48 -11.80
N VAL B 201 13.60 5.84 -10.70
CA VAL B 201 14.25 6.68 -9.70
C VAL B 201 15.34 5.90 -8.98
N TYR B 202 15.05 4.67 -8.56
CA TYR B 202 16.03 3.89 -7.84
C TYR B 202 17.21 3.52 -8.70
N THR B 203 17.01 3.29 -10.00
CA THR B 203 18.13 2.96 -10.87
C THR B 203 19.13 4.11 -10.89
N ALA B 204 18.63 5.34 -10.98
CA ALA B 204 19.50 6.50 -10.90
C ALA B 204 20.12 6.61 -9.50
N ALA B 205 19.30 6.44 -8.45
CA ALA B 205 19.82 6.55 -7.09
C ALA B 205 20.91 5.51 -6.79
N TYR B 206 20.76 4.31 -7.30
CA TYR B 206 21.76 3.27 -7.07
C TYR B 206 23.12 3.69 -7.64
N GLN B 207 23.13 4.12 -8.91
CA GLN B 207 24.37 4.47 -9.58
C GLN B 207 25.09 5.56 -8.84
N ASN B 208 24.30 6.53 -8.33
CA ASN B 208 24.88 7.67 -7.65
C ASN B 208 25.34 7.36 -6.23
N ILE B 209 24.64 6.50 -5.47
CA ILE B 209 25.15 6.09 -4.16
C ILE B 209 26.49 5.40 -4.30
N GLN B 210 26.72 4.68 -5.40
CA GLN B 210 27.95 3.90 -5.55
C GLN B 210 29.17 4.82 -5.71
N ASN B 211 29.01 6.04 -6.23
CA ASN B 211 30.12 6.97 -6.36
C ASN B 211 30.33 7.79 -5.09
N ILE B 212 29.72 7.38 -3.98
CA ILE B 212 29.84 8.14 -2.75
C ILE B 212 31.24 8.04 -2.17
N ASP B 213 31.89 6.88 -2.27
CA ASP B 213 33.22 6.74 -1.68
C ASP B 213 34.31 7.40 -2.52
N GLU B 214 33.99 7.96 -3.69
CA GLU B 214 34.99 8.57 -4.58
C GLU B 214 35.71 9.73 -3.89
#